data_6ZQP
#
_entry.id   6ZQP
#
_cell.length_a   139.640
_cell.length_b   139.640
_cell.length_c   139.640
_cell.angle_alpha   90.000
_cell.angle_beta   90.000
_cell.angle_gamma   90.000
#
_symmetry.space_group_name_H-M   'P 41 3 2'
#
loop_
_entity.id
_entity.type
_entity.pdbx_description
1 polymer 'PMT2 isoform 1'
2 non-polymer 'TETRAETHYLENE GLYCOL'
3 non-polymer GLYCEROL
4 non-polymer 'SULFATE ION'
5 water water
#
_entity_poly.entity_id   1
_entity_poly.type   'polypeptide(L)'
_entity_poly.pdbx_seq_one_letter_code
;MKHHHHHHPMGLEVLFQGPPRDIALGSSVVSIKNQALGGSLLHSHIQTYPDGSNQQQVTCYGYKDANNEWFFNRERGLPS
WSENETDIEYLKPGTSYRLVHKSTGRNLHTHPVAAPVSKTQWEVSGYGDNVVGDNKDNWVIEIMDQRGDEDPEKLHTLTT
SFRIKNLEMGCYLAQTGNSLPEWGFRQQEVVCMKNPFKRDKRTWWNIETHENER
;
_entity_poly.pdbx_strand_id   A
#
loop_
_chem_comp.id
_chem_comp.type
_chem_comp.name
_chem_comp.formula
GOL non-polymer GLYCEROL 'C3 H8 O3'
PG4 non-polymer 'TETRAETHYLENE GLYCOL' 'C8 H18 O5'
SO4 non-polymer 'SULFATE ION' 'O4 S -2'
#
# COMPACT_ATOMS: atom_id res chain seq x y z
N ARG A 21 -2.84 -10.52 -17.57
CA ARG A 21 -3.83 -9.51 -17.26
C ARG A 21 -3.21 -8.36 -16.44
N ASP A 22 -3.27 -7.14 -16.97
CA ASP A 22 -2.76 -5.98 -16.24
C ASP A 22 -3.64 -5.70 -15.03
N ILE A 23 -3.07 -5.02 -14.03
CA ILE A 23 -3.80 -4.84 -12.79
C ILE A 23 -4.89 -3.81 -13.00
N ALA A 24 -6.11 -4.12 -12.55
CA ALA A 24 -7.29 -3.29 -12.73
C ALA A 24 -7.78 -2.68 -11.43
N LEU A 25 -8.41 -1.52 -11.54
CA LEU A 25 -9.15 -0.92 -10.44
C LEU A 25 -10.24 -1.85 -9.92
N GLY A 26 -10.25 -2.07 -8.61
CA GLY A 26 -11.40 -2.72 -7.99
C GLY A 26 -11.36 -4.24 -8.04
N SER A 27 -11.31 -4.83 -9.24
CA SER A 27 -11.46 -6.26 -9.36
C SER A 27 -10.16 -7.04 -9.14
N SER A 28 -9.00 -6.39 -9.26
CA SER A 28 -7.73 -7.09 -9.05
C SER A 28 -7.40 -7.14 -7.57
N VAL A 29 -7.30 -8.35 -7.00
CA VAL A 29 -6.85 -8.53 -5.63
C VAL A 29 -5.40 -8.96 -5.69
N VAL A 30 -4.53 -8.21 -5.02
CA VAL A 30 -3.09 -8.38 -5.15
C VAL A 30 -2.44 -8.53 -3.77
N SER A 31 -1.27 -9.17 -3.77
CA SER A 31 -0.34 -9.01 -2.67
C SER A 31 0.86 -8.25 -3.23
N ILE A 32 1.53 -7.51 -2.36
CA ILE A 32 2.50 -6.50 -2.75
C ILE A 32 3.77 -6.75 -1.92
N LYS A 33 4.89 -7.04 -2.61
CA LYS A 33 6.13 -7.45 -1.96
C LYS A 33 7.18 -6.35 -2.02
N ASN A 34 7.89 -6.16 -0.91
CA ASN A 34 8.98 -5.20 -0.84
C ASN A 34 10.28 -5.77 -1.41
N GLN A 35 11.10 -4.89 -2.02
CA GLN A 35 12.27 -5.35 -2.77
C GLN A 35 13.60 -5.15 -2.04
N ALA A 36 13.60 -4.62 -0.81
CA ALA A 36 14.87 -4.53 -0.08
C ALA A 36 15.26 -5.92 0.46
N LEU A 37 16.47 -6.02 1.01
CA LEU A 37 16.93 -7.26 1.61
C LEU A 37 16.02 -7.63 2.79
N GLY A 38 15.48 -8.85 2.76
CA GLY A 38 14.47 -9.28 3.73
C GLY A 38 13.09 -8.70 3.49
N GLY A 39 12.88 -8.04 2.35
CA GLY A 39 11.57 -7.48 2.07
C GLY A 39 10.50 -8.57 2.00
N SER A 40 9.30 -8.22 2.46
CA SER A 40 8.22 -9.20 2.46
C SER A 40 6.89 -8.53 2.12
N LEU A 41 5.76 -9.05 2.60
CA LEU A 41 4.46 -8.76 1.98
C LEU A 41 3.68 -7.73 2.79
N LEU A 42 3.15 -6.68 2.11
CA LEU A 42 2.36 -5.64 2.76
C LEU A 42 1.13 -6.26 3.40
N HIS A 43 0.83 -5.89 4.65
CA HIS A 43 -0.01 -6.72 5.50
C HIS A 43 -0.80 -5.82 6.45
N SER A 44 -2.00 -6.28 6.85
CA SER A 44 -2.70 -5.59 7.93
C SER A 44 -3.57 -6.62 8.65
N HIS A 45 -4.26 -6.18 9.70
CA HIS A 45 -5.02 -7.04 10.60
C HIS A 45 -5.73 -6.09 11.56
N ILE A 46 -6.64 -6.60 12.40
CA ILE A 46 -7.48 -5.64 13.14
C ILE A 46 -6.74 -4.99 14.31
N GLN A 47 -5.59 -5.54 14.74
CA GLN A 47 -4.91 -4.95 15.90
C GLN A 47 -4.41 -3.55 15.58
N THR A 48 -4.46 -2.68 16.61
CA THR A 48 -4.15 -1.26 16.45
C THR A 48 -2.80 -0.90 17.10
N TYR A 49 -2.31 0.28 16.75
CA TYR A 49 -1.08 0.80 17.37
C TYR A 49 -1.34 1.19 18.82
N PRO A 50 -0.47 0.80 19.76
CA PRO A 50 -0.72 1.16 21.16
C PRO A 50 -0.44 2.63 21.42
N ASP A 51 0.45 3.24 20.64
CA ASP A 51 0.75 4.68 20.73
C ASP A 51 0.48 5.29 19.36
N GLY A 52 1.23 6.31 18.97
CA GLY A 52 1.00 6.90 17.65
C GLY A 52 -0.43 7.38 17.51
N SER A 53 -1.05 7.00 16.41
CA SER A 53 -2.42 7.42 16.13
C SER A 53 -3.46 6.48 16.72
N ASN A 54 -3.02 5.35 17.31
CA ASN A 54 -3.93 4.28 17.76
C ASN A 54 -4.78 3.69 16.62
N GLN A 55 -4.42 3.93 15.35
CA GLN A 55 -5.18 3.36 14.24
C GLN A 55 -4.70 1.94 13.95
N GLN A 56 -5.34 1.32 12.97
CA GLN A 56 -5.02 -0.07 12.64
C GLN A 56 -3.59 -0.23 12.13
N GLN A 57 -2.90 -1.27 12.62
CA GLN A 57 -1.52 -1.51 12.21
C GLN A 57 -1.44 -1.86 10.73
N VAL A 58 -0.32 -1.46 10.10
CA VAL A 58 0.09 -1.97 8.79
C VAL A 58 1.52 -2.49 8.98
N THR A 59 1.80 -3.68 8.45
CA THR A 59 3.09 -4.35 8.67
C THR A 59 3.54 -4.98 7.36
N CYS A 60 4.74 -5.58 7.36
CA CYS A 60 5.04 -6.60 6.34
C CYS A 60 5.20 -7.96 7.01
N TYR A 61 4.79 -8.99 6.28
CA TYR A 61 4.59 -10.32 6.82
C TYR A 61 5.28 -11.33 5.92
N GLY A 62 5.88 -12.36 6.55
CA GLY A 62 6.75 -13.28 5.83
C GLY A 62 6.10 -14.50 5.24
N TYR A 63 4.82 -14.70 5.47
CA TYR A 63 4.10 -15.85 4.96
C TYR A 63 2.97 -15.37 4.05
N LYS A 64 2.35 -16.30 3.35
CA LYS A 64 1.21 -16.03 2.48
C LYS A 64 -0.08 -16.32 3.26
N ASP A 65 -0.90 -15.29 3.50
CA ASP A 65 -2.25 -15.52 4.01
C ASP A 65 -3.14 -14.38 3.51
N ALA A 66 -4.45 -14.50 3.78
CA ALA A 66 -5.40 -13.58 3.18
C ALA A 66 -5.24 -12.15 3.69
N ASN A 67 -4.57 -11.95 4.83
CA ASN A 67 -4.32 -10.60 5.30
C ASN A 67 -3.24 -9.89 4.50
N ASN A 68 -2.66 -10.56 3.49
CA ASN A 68 -1.78 -9.86 2.54
C ASN A 68 -2.55 -9.27 1.35
N GLU A 69 -3.88 -9.47 1.29
CA GLU A 69 -4.64 -9.07 0.10
C GLU A 69 -5.08 -7.61 0.15
N TRP A 70 -4.83 -6.90 -0.96
CA TRP A 70 -5.25 -5.51 -1.13
C TRP A 70 -5.94 -5.37 -2.48
N PHE A 71 -6.73 -4.31 -2.64
CA PHE A 71 -7.19 -3.93 -3.96
C PHE A 71 -7.18 -2.41 -4.07
N PHE A 72 -7.11 -1.91 -5.30
CA PHE A 72 -7.11 -0.46 -5.51
C PHE A 72 -8.53 0.05 -5.71
N ASN A 73 -8.85 1.17 -5.06
CA ASN A 73 -10.15 1.81 -5.24
C ASN A 73 -9.95 3.24 -5.72
N ARG A 74 -11.03 3.90 -6.13
CA ARG A 74 -10.89 5.25 -6.65
C ARG A 74 -10.44 6.21 -5.55
N GLU A 75 -9.85 7.32 -5.99
CA GLU A 75 -9.43 8.36 -5.06
C GLU A 75 -10.58 8.77 -4.15
N ARG A 76 -10.21 9.25 -2.97
CA ARG A 76 -11.17 9.75 -2.00
C ARG A 76 -12.18 10.71 -2.64
N GLY A 77 -13.46 10.44 -2.44
CA GLY A 77 -14.52 11.35 -2.88
C GLY A 77 -15.11 11.02 -4.24
N LEU A 78 -14.52 10.06 -4.97
CA LEU A 78 -15.11 9.54 -6.20
CA LEU A 78 -15.09 9.52 -6.20
C LEU A 78 -15.93 8.28 -5.90
N PRO A 79 -16.81 7.89 -6.81
CA PRO A 79 -17.61 6.66 -6.60
C PRO A 79 -16.71 5.46 -6.36
N SER A 80 -17.06 4.67 -5.34
CA SER A 80 -16.35 3.44 -5.05
C SER A 80 -16.54 2.48 -6.21
N TRP A 81 -15.52 1.67 -6.50
CA TRP A 81 -15.68 0.68 -7.56
C TRP A 81 -16.81 -0.29 -7.23
N SER A 82 -17.59 -0.65 -8.23
CA SER A 82 -18.66 -1.61 -8.08
C SER A 82 -18.51 -2.72 -9.12
N GLU A 83 -18.81 -3.95 -8.72
CA GLU A 83 -18.91 -5.04 -9.70
C GLU A 83 -19.96 -4.76 -10.77
N ASN A 84 -20.92 -3.88 -10.51
CA ASN A 84 -21.94 -3.56 -11.51
C ASN A 84 -21.39 -2.68 -12.62
N GLU A 85 -20.19 -2.15 -12.47
CA GLU A 85 -19.58 -1.41 -13.57
C GLU A 85 -19.29 -2.38 -14.70
N THR A 86 -19.52 -1.92 -15.92
CA THR A 86 -19.34 -2.79 -17.07
C THR A 86 -17.97 -2.64 -17.72
N ASP A 87 -17.34 -1.47 -17.60
CA ASP A 87 -16.04 -1.29 -18.21
C ASP A 87 -14.94 -1.58 -17.21
N ILE A 88 -13.83 -2.06 -17.72
CA ILE A 88 -12.65 -2.31 -16.88
C ILE A 88 -11.79 -1.06 -16.92
N GLU A 89 -11.24 -0.71 -15.78
CA GLU A 89 -10.35 0.44 -15.65
C GLU A 89 -9.00 -0.07 -15.19
N TYR A 90 -7.97 0.06 -16.02
CA TYR A 90 -6.63 -0.42 -15.65
C TYR A 90 -5.92 0.66 -14.84
N LEU A 91 -5.12 0.23 -13.86
CA LEU A 91 -4.39 1.21 -13.06
C LEU A 91 -3.39 1.97 -13.91
N LYS A 92 -3.26 3.27 -13.63
CA LYS A 92 -2.40 4.17 -14.37
C LYS A 92 -1.42 4.81 -13.40
N PRO A 93 -0.12 4.83 -13.71
CA PRO A 93 0.79 5.64 -12.90
C PRO A 93 0.37 7.09 -12.97
N GLY A 94 0.56 7.80 -11.85
CA GLY A 94 0.20 9.20 -11.75
C GLY A 94 -1.22 9.49 -11.32
N THR A 95 -2.12 8.50 -11.34
CA THR A 95 -3.49 8.66 -10.89
C THR A 95 -3.58 8.37 -9.40
N SER A 96 -4.40 9.16 -8.68
CA SER A 96 -4.64 8.90 -7.26
C SER A 96 -5.56 7.70 -7.07
N TYR A 97 -5.18 6.78 -6.16
CA TYR A 97 -6.00 5.66 -5.78
C TYR A 97 -6.01 5.52 -4.28
N ARG A 98 -7.03 4.87 -3.76
CA ARG A 98 -6.95 4.30 -2.42
C ARG A 98 -6.47 2.87 -2.53
N LEU A 99 -5.69 2.42 -1.53
CA LEU A 99 -5.21 1.05 -1.46
C LEU A 99 -5.92 0.43 -0.28
N VAL A 100 -6.82 -0.54 -0.54
CA VAL A 100 -7.77 -1.02 0.46
C VAL A 100 -7.36 -2.40 0.91
N HIS A 101 -7.31 -2.61 2.24
CA HIS A 101 -6.98 -3.93 2.78
C HIS A 101 -8.23 -4.80 2.67
N LYS A 102 -8.15 -5.92 1.95
CA LYS A 102 -9.38 -6.63 1.61
C LYS A 102 -10.06 -7.20 2.87
N SER A 103 -9.28 -7.78 3.80
CA SER A 103 -9.93 -8.47 4.92
C SER A 103 -10.61 -7.51 5.88
N THR A 104 -10.05 -6.32 6.08
CA THR A 104 -10.64 -5.38 7.04
C THR A 104 -11.39 -4.22 6.39
N GLY A 105 -11.16 -3.97 5.10
CA GLY A 105 -11.78 -2.87 4.34
C GLY A 105 -11.21 -1.51 4.63
N ARG A 106 -10.11 -1.43 5.40
CA ARG A 106 -9.52 -0.14 5.74
CA ARG A 106 -9.52 -0.13 5.75
C ARG A 106 -8.65 0.39 4.62
N ASN A 107 -8.49 1.72 4.57
CA ASN A 107 -7.62 2.37 3.58
C ASN A 107 -6.21 2.50 4.11
N LEU A 108 -5.23 2.19 3.28
CA LEU A 108 -3.85 2.54 3.59
C LEU A 108 -3.77 4.05 3.80
N HIS A 109 -3.10 4.48 4.88
CA HIS A 109 -3.28 5.82 5.40
C HIS A 109 -1.96 6.30 5.99
N THR A 110 -1.66 7.59 5.87
CA THR A 110 -0.54 8.12 6.65
C THR A 110 -0.87 9.55 7.06
N HIS A 111 0.06 10.19 7.77
CA HIS A 111 -0.24 11.40 8.51
C HIS A 111 1.03 11.80 9.26
N PRO A 112 1.11 13.03 9.76
CA PRO A 112 2.34 13.47 10.46
C PRO A 112 2.36 12.99 11.91
N VAL A 113 2.46 11.68 12.04
CA VAL A 113 2.57 10.97 13.31
C VAL A 113 3.86 10.14 13.22
N ALA A 114 4.72 10.23 14.24
CA ALA A 114 5.99 9.48 14.17
C ALA A 114 5.74 7.97 14.11
N ALA A 115 6.53 7.28 13.29
CA ALA A 115 6.44 5.83 13.18
C ALA A 115 6.88 5.18 14.51
N PRO A 116 6.53 3.90 14.73
CA PRO A 116 6.75 3.29 16.06
C PRO A 116 8.21 2.96 16.35
N VAL A 117 9.00 2.62 15.33
CA VAL A 117 10.41 2.27 15.53
C VAL A 117 11.34 3.26 14.83
N SER A 118 11.08 3.56 13.54
CA SER A 118 11.84 4.59 12.81
C SER A 118 11.23 5.94 13.12
N LYS A 119 11.68 6.56 14.22
CA LYS A 119 10.96 7.71 14.74
C LYS A 119 11.10 8.93 13.87
N THR A 120 12.03 8.95 12.92
CA THR A 120 12.13 10.09 12.01
C THR A 120 11.23 9.96 10.78
N GLN A 121 10.46 8.89 10.64
CA GLN A 121 9.57 8.67 9.50
C GLN A 121 8.14 8.72 9.99
N TRP A 122 7.17 8.56 9.07
CA TRP A 122 5.77 8.68 9.46
C TRP A 122 5.09 7.33 9.62
N GLU A 123 4.21 7.24 10.63
CA GLU A 123 3.40 6.04 10.83
C GLU A 123 2.48 5.80 9.65
N VAL A 124 2.33 4.53 9.26
CA VAL A 124 1.38 4.10 8.23
C VAL A 124 0.34 3.21 8.90
N SER A 125 -0.95 3.49 8.66
CA SER A 125 -2.02 2.78 9.34
C SER A 125 -3.07 2.33 8.33
N GLY A 126 -4.04 1.56 8.81
CA GLY A 126 -5.29 1.34 8.10
C GLY A 126 -6.35 2.20 8.73
N TYR A 127 -7.09 2.94 7.91
CA TYR A 127 -8.04 3.92 8.44
C TYR A 127 -9.31 3.95 7.60
N GLY A 128 -10.49 3.98 8.29
CA GLY A 128 -11.74 4.33 7.61
C GLY A 128 -12.22 3.28 6.59
N ASP A 129 -13.04 3.75 5.65
CA ASP A 129 -13.65 2.85 4.66
C ASP A 129 -14.03 3.72 3.46
N ASN A 130 -15.16 3.40 2.78
CA ASN A 130 -15.53 4.26 1.66
C ASN A 130 -16.09 5.60 2.13
N VAL A 131 -16.59 5.69 3.35
CA VAL A 131 -17.17 6.93 3.90
C VAL A 131 -16.18 7.65 4.79
N VAL A 132 -15.56 6.92 5.70
CA VAL A 132 -14.64 7.49 6.69
C VAL A 132 -13.24 7.61 6.08
N GLY A 133 -12.66 8.77 6.20
CA GLY A 133 -11.33 8.99 5.68
C GLY A 133 -11.22 10.37 5.07
N ASP A 134 -10.09 10.64 4.42
CA ASP A 134 -9.85 11.96 3.86
C ASP A 134 -8.79 11.83 2.77
N ASN A 135 -8.26 12.98 2.31
CA ASN A 135 -7.33 12.91 1.18
CA ASN A 135 -7.33 12.92 1.17
C ASN A 135 -5.99 12.29 1.53
N LYS A 136 -5.72 12.03 2.83
CA LYS A 136 -4.47 11.33 3.16
C LYS A 136 -4.56 9.86 2.78
N ASP A 137 -5.73 9.41 2.30
CA ASP A 137 -5.87 8.05 1.79
C ASP A 137 -5.49 7.92 0.33
N ASN A 138 -5.07 9.00 -0.33
CA ASN A 138 -4.73 8.96 -1.75
C ASN A 138 -3.25 8.64 -1.97
N TRP A 139 -2.98 7.63 -2.81
CA TRP A 139 -1.62 7.21 -3.12
C TRP A 139 -1.44 7.23 -4.62
N VAL A 140 -0.20 7.39 -5.08
CA VAL A 140 0.11 7.49 -6.51
C VAL A 140 1.25 6.52 -6.82
N ILE A 141 1.11 5.75 -7.87
CA ILE A 141 2.10 4.77 -8.28
C ILE A 141 3.08 5.42 -9.25
N GLU A 142 4.37 5.12 -9.05
CA GLU A 142 5.40 5.51 -10.00
C GLU A 142 6.16 4.27 -10.42
N ILE A 143 6.17 3.97 -11.71
CA ILE A 143 6.86 2.77 -12.19
C ILE A 143 8.35 3.05 -12.26
N MET A 144 9.14 2.19 -11.61
CA MET A 144 10.59 2.31 -11.55
C MET A 144 11.30 1.37 -12.50
N ASP A 145 10.69 0.24 -12.82
CA ASP A 145 11.36 -0.73 -13.68
C ASP A 145 10.30 -1.64 -14.28
N GLN A 146 10.51 -2.02 -15.53
CA GLN A 146 9.71 -3.01 -16.23
C GLN A 146 10.68 -4.02 -16.78
N ARG A 147 10.58 -5.27 -16.35
CA ARG A 147 11.50 -6.18 -17.03
C ARG A 147 10.89 -6.80 -18.27
N GLY A 148 9.56 -6.75 -18.38
CA GLY A 148 8.87 -7.29 -19.53
C GLY A 148 8.76 -6.30 -20.67
N ASP A 149 8.09 -6.76 -21.73
CA ASP A 149 7.88 -6.00 -22.94
C ASP A 149 6.44 -5.50 -23.08
N GLU A 150 5.55 -5.88 -22.16
CA GLU A 150 4.17 -5.42 -22.17
C GLU A 150 4.10 -3.90 -21.98
N ASP A 151 2.89 -3.33 -22.06
CA ASP A 151 2.67 -1.89 -21.96
C ASP A 151 3.48 -1.31 -20.81
N PRO A 152 4.48 -0.47 -21.10
CA PRO A 152 5.36 0.00 -20.02
C PRO A 152 4.68 0.95 -19.06
N GLU A 153 3.51 1.48 -19.41
CA GLU A 153 2.76 2.35 -18.52
C GLU A 153 1.62 1.62 -17.80
N LYS A 154 1.63 0.30 -17.79
CA LYS A 154 0.68 -0.45 -16.97
C LYS A 154 1.42 -1.31 -15.97
N LEU A 155 0.72 -1.70 -14.90
CA LEU A 155 1.28 -2.57 -13.87
C LEU A 155 1.09 -4.02 -14.27
N HIS A 156 2.18 -4.79 -14.21
CA HIS A 156 2.13 -6.20 -14.54
C HIS A 156 2.52 -7.00 -13.31
N THR A 157 1.85 -8.13 -13.10
CA THR A 157 2.24 -9.00 -12.00
C THR A 157 3.71 -9.40 -12.10
N LEU A 158 4.42 -9.26 -10.97
CA LEU A 158 5.80 -9.69 -10.75
C LEU A 158 6.84 -8.85 -11.47
N THR A 159 6.59 -8.45 -12.73
CA THR A 159 7.67 -7.88 -13.53
C THR A 159 7.76 -6.35 -13.45
N THR A 160 6.77 -5.67 -12.86
CA THR A 160 6.82 -4.22 -12.67
C THR A 160 7.28 -3.90 -11.25
N SER A 161 8.31 -3.05 -11.13
CA SER A 161 8.71 -2.50 -9.83
C SER A 161 8.24 -1.07 -9.73
N PHE A 162 7.69 -0.68 -8.56
CA PHE A 162 7.12 0.66 -8.47
C PHE A 162 7.23 1.20 -7.05
N ARG A 163 7.16 2.52 -6.93
CA ARG A 163 7.02 3.20 -5.65
C ARG A 163 5.56 3.61 -5.45
N ILE A 164 5.19 3.85 -4.20
CA ILE A 164 3.81 4.15 -3.81
C ILE A 164 3.93 5.41 -2.97
N LYS A 165 3.51 6.56 -3.51
CA LYS A 165 3.73 7.87 -2.89
C LYS A 165 2.42 8.37 -2.29
N ASN A 166 2.48 8.86 -1.05
CA ASN A 166 1.30 9.49 -0.47
C ASN A 166 1.16 10.89 -1.05
N LEU A 167 0.02 11.19 -1.70
CA LEU A 167 -0.09 12.47 -2.39
C LEU A 167 -0.03 13.66 -1.43
N GLU A 168 -0.73 13.59 -0.30
CA GLU A 168 -0.81 14.75 0.58
CA GLU A 168 -0.81 14.74 0.59
C GLU A 168 0.50 14.98 1.34
N MET A 169 1.11 13.90 1.86
CA MET A 169 2.30 14.02 2.69
C MET A 169 3.58 14.06 1.85
N GLY A 170 3.53 13.57 0.61
CA GLY A 170 4.71 13.58 -0.24
C GLY A 170 5.73 12.52 0.06
N CYS A 171 5.41 11.56 0.89
CA CYS A 171 6.36 10.55 1.35
C CYS A 171 6.09 9.23 0.66
N TYR A 172 7.01 8.27 0.82
CA TYR A 172 6.96 7.00 0.10
C TYR A 172 6.77 5.82 1.03
N LEU A 173 5.83 4.93 0.67
CA LEU A 173 5.60 3.72 1.45
C LEU A 173 6.85 2.85 1.47
N ALA A 174 7.23 2.37 2.66
CA ALA A 174 8.51 1.67 2.80
C ALA A 174 8.43 0.62 3.89
N GLN A 175 9.15 -0.48 3.67
CA GLN A 175 9.41 -1.47 4.72
C GLN A 175 10.83 -1.17 5.22
N THR A 176 10.96 -0.87 6.52
CA THR A 176 12.23 -0.34 6.99
C THR A 176 13.26 -1.43 7.26
N GLY A 177 12.82 -2.68 7.49
CA GLY A 177 13.71 -3.72 7.96
C GLY A 177 13.70 -3.89 9.46
N ASN A 178 13.03 -2.97 10.18
CA ASN A 178 12.89 -3.10 11.63
C ASN A 178 11.77 -4.05 11.96
N SER A 179 11.98 -4.85 12.99
CA SER A 179 10.90 -5.65 13.56
CA SER A 179 10.88 -5.64 13.53
C SER A 179 10.09 -4.81 14.55
N LEU A 180 8.77 -5.04 14.56
CA LEU A 180 7.91 -4.37 15.54
C LEU A 180 7.99 -5.06 16.90
N PRO A 181 7.57 -4.37 17.97
CA PRO A 181 7.39 -5.03 19.28
C PRO A 181 6.37 -6.15 19.26
N GLU A 182 6.21 -6.85 20.39
CA GLU A 182 5.25 -7.96 20.48
C GLU A 182 3.84 -7.50 20.19
N TRP A 183 3.53 -6.22 20.49
CA TRP A 183 2.16 -5.77 20.20
C TRP A 183 1.82 -5.74 18.73
N GLY A 184 2.81 -5.84 17.83
CA GLY A 184 2.60 -5.96 16.39
C GLY A 184 2.92 -7.37 15.90
N PHE A 185 2.83 -8.37 16.78
CA PHE A 185 3.14 -9.78 16.44
C PHE A 185 4.60 -9.91 15.95
N ARG A 186 5.47 -8.97 16.35
CA ARG A 186 6.86 -9.00 15.91
C ARG A 186 6.99 -9.04 14.37
N GLN A 187 6.00 -8.45 13.68
CA GLN A 187 6.06 -8.37 12.22
C GLN A 187 6.95 -7.17 11.81
N GLN A 188 7.08 -6.91 10.51
CA GLN A 188 7.98 -5.88 10.01
C GLN A 188 7.30 -4.50 9.99
N GLU A 189 8.03 -3.48 10.48
CA GLU A 189 7.57 -2.10 10.45
C GLU A 189 7.42 -1.58 9.01
N VAL A 190 6.28 -0.91 8.76
CA VAL A 190 6.03 -0.16 7.53
C VAL A 190 5.89 1.32 7.90
N VAL A 191 6.55 2.20 7.14
CA VAL A 191 6.50 3.63 7.39
C VAL A 191 6.28 4.34 6.06
N CYS A 192 6.10 5.66 6.16
CA CYS A 192 6.13 6.53 4.99
C CYS A 192 7.40 7.35 5.11
N MET A 193 8.34 7.16 4.17
CA MET A 193 9.68 7.74 4.24
C MET A 193 9.68 9.12 3.63
N LYS A 194 10.28 10.06 4.33
CA LYS A 194 10.41 11.45 3.89
C LYS A 194 11.67 11.58 3.03
N ASN A 195 11.54 12.10 1.84
CA ASN A 195 12.70 12.37 0.99
C ASN A 195 13.73 11.25 0.86
N PRO A 196 13.31 10.03 0.52
CA PRO A 196 14.29 8.97 0.19
C PRO A 196 14.96 9.24 -1.15
N PHE A 197 16.12 8.60 -1.33
CA PHE A 197 16.71 8.52 -2.65
C PHE A 197 15.85 7.64 -3.55
N LYS A 198 15.83 8.01 -4.84
CA LYS A 198 14.95 7.36 -5.81
C LYS A 198 15.18 5.85 -5.88
N ARG A 199 16.42 5.37 -5.72
CA ARG A 199 16.72 3.93 -5.88
C ARG A 199 16.71 3.18 -4.56
N ASP A 200 16.20 3.78 -3.49
CA ASP A 200 16.17 3.11 -2.19
C ASP A 200 15.16 1.97 -2.24
N LYS A 201 15.65 0.71 -2.18
CA LYS A 201 14.72 -0.40 -2.42
C LYS A 201 13.78 -0.64 -1.25
N ARG A 202 13.99 0.00 -0.09
CA ARG A 202 12.95 -0.04 0.93
C ARG A 202 11.64 0.54 0.41
N THR A 203 11.70 1.42 -0.60
CA THR A 203 10.50 2.04 -1.17
C THR A 203 10.06 1.39 -2.48
N TRP A 204 10.76 0.33 -2.95
CA TRP A 204 10.36 -0.35 -4.17
C TRP A 204 9.53 -1.60 -3.88
N TRP A 205 8.49 -1.81 -4.70
CA TRP A 205 7.52 -2.89 -4.46
C TRP A 205 7.19 -3.53 -5.80
N ASN A 206 6.67 -4.76 -5.75
CA ASN A 206 6.09 -5.37 -6.94
C ASN A 206 4.81 -6.09 -6.55
N ILE A 207 3.95 -6.31 -7.54
CA ILE A 207 2.79 -7.20 -7.33
C ILE A 207 3.31 -8.63 -7.30
N GLU A 208 3.02 -9.37 -6.21
CA GLU A 208 3.52 -10.72 -6.04
C GLU A 208 2.50 -11.77 -6.43
N THR A 209 1.21 -11.52 -6.17
CA THR A 209 0.12 -12.40 -6.61
C THR A 209 -1.00 -11.54 -7.16
N HIS A 210 -1.83 -12.13 -8.02
CA HIS A 210 -2.91 -11.38 -8.65
C HIS A 210 -4.05 -12.35 -8.89
N GLU A 211 -5.23 -12.04 -8.35
CA GLU A 211 -6.45 -12.79 -8.63
C GLU A 211 -7.52 -11.81 -9.11
N ASN A 212 -8.22 -12.15 -10.18
CA ASN A 212 -9.24 -11.25 -10.71
C ASN A 212 -10.41 -12.10 -11.17
N GLU A 213 -11.60 -11.84 -10.59
CA GLU A 213 -12.86 -12.59 -10.78
C GLU A 213 -12.78 -13.98 -10.18
O1 PG4 B . -22.06 3.98 6.11
C1 PG4 B . -22.77 5.00 5.48
C2 PG4 B . -23.68 4.43 4.40
O2 PG4 B . -23.33 5.00 3.17
C3 PG4 B . -23.57 4.18 2.06
C4 PG4 B . -22.24 3.82 1.41
O3 PG4 B . -21.38 3.26 2.37
C5 PG4 B . -20.99 1.95 2.09
C6 PG4 B . -19.73 1.97 1.23
O4 PG4 B . -20.00 1.51 -0.07
C7 PG4 B . -19.73 2.45 -1.07
C8 PG4 B . -20.60 2.21 -2.29
O5 PG4 B . -20.78 3.42 -2.95
C1 GOL C . -2.13 -11.98 12.96
O1 GOL C . -3.53 -12.47 13.27
C2 GOL C . -2.17 -11.60 11.43
O2 GOL C . -1.11 -10.71 11.18
C3 GOL C . -2.01 -12.95 10.64
O3 GOL C . -2.33 -12.62 9.28
C1 GOL D . 18.72 8.38 -5.86
O1 GOL D . 18.90 7.09 -6.29
C2 GOL D . 19.06 9.36 -6.99
O2 GOL D . 18.77 8.83 -8.25
C3 GOL D . 18.23 10.66 -6.66
O3 GOL D . 17.41 10.43 -5.57
C1 GOL E . 15.14 6.04 12.03
O1 GOL E . 14.03 6.88 11.97
C2 GOL E . 15.79 6.15 13.49
O2 GOL E . 16.43 7.36 13.71
C3 GOL E . 14.65 5.83 14.51
O3 GOL E . 14.57 6.77 15.53
S SO4 F . -1.19 -12.32 -14.13
O1 SO4 F . -1.88 -12.65 -15.38
O2 SO4 F . -1.75 -13.08 -13.03
O3 SO4 F . 0.25 -12.60 -14.27
O4 SO4 F . -1.38 -10.90 -13.84
S SO4 G . 9.56 -17.04 20.21
O1 SO4 G . 9.40 -17.22 18.77
O2 SO4 G . 8.90 -18.20 20.84
O3 SO4 G . 10.96 -16.98 20.61
O4 SO4 G . 8.95 -16.04 21.08
S SO4 H . -5.92 11.35 10.54
O1 SO4 H . -5.17 10.09 10.52
O2 SO4 H . -6.42 11.66 9.19
O3 SO4 H . -7.06 11.26 11.47
O4 SO4 H . -5.02 12.40 11.00
S SO4 I . 3.88 8.70 19.44
O1 SO4 I . 2.86 9.47 18.71
O2 SO4 I . 3.63 7.27 19.35
O3 SO4 I . 5.18 8.99 18.84
O4 SO4 I . 3.87 9.08 20.85
#